data_3JUO
#
_entry.id   3JUO
#
_cell.length_a   64.600
_cell.length_b   64.600
_cell.length_c   160.890
_cell.angle_alpha   90.000
_cell.angle_beta   90.000
_cell.angle_gamma   120.000
#
_symmetry.space_group_name_H-M   'P 32 2 1'
#
loop_
_entity.id
_entity.type
_entity.pdbx_description
1 polymer 'Phenazine biosynthesis protein A/B'
2 non-polymer '5-bromo-2-[(3R)-piperidin-3-ylamino]benzoic acid'
3 water water
#
_entity_poly.entity_id   1
_entity_poly.type   'polypeptide(L)'
_entity_poly.pdbx_seq_one_letter_code
;MGSSHHHHHHSSGLVPRGSHMSDVESLENTSENRAQVAARQHNRKIVEQYMHTRGEARLKRHLLFTEDGVGGLWTTDSGQ
PIAIRGREKLGEHAVWSLQCFPDWVWTDIQIFETQDPNWFWVECRGEGAIVFPGYPRGQYRNHFLHSFRFENGLIKEQRE
FMNPCEQFRSLGIEVPEVRRDGLPS
;
_entity_poly.pdbx_strand_id   A,B
#
loop_
_chem_comp.id
_chem_comp.type
_chem_comp.name
_chem_comp.formula
AJD non-polymer '5-bromo-2-[(3R)-piperidin-3-ylamino]benzoic acid' 'C12 H15 Br N2 O2'
#
# COMPACT_ATOMS: atom_id res chain seq x y z
N THR A 30 -17.47 27.86 -11.63
CA THR A 30 -18.30 26.69 -12.01
C THR A 30 -18.65 25.95 -10.71
N SER A 31 -19.88 25.43 -10.61
CA SER A 31 -20.40 24.83 -9.36
C SER A 31 -20.25 23.31 -9.36
N GLU A 32 -19.75 22.77 -10.48
CA GLU A 32 -19.34 21.37 -10.57
C GLU A 32 -18.11 21.23 -9.69
N ASN A 33 -17.11 22.08 -9.94
CA ASN A 33 -15.87 22.15 -9.14
C ASN A 33 -16.10 22.59 -7.69
N ARG A 34 -17.15 23.39 -7.45
CA ARG A 34 -17.50 23.79 -6.08
C ARG A 34 -18.21 22.63 -5.33
N ALA A 35 -18.99 21.81 -6.04
CA ALA A 35 -19.61 20.58 -5.48
C ALA A 35 -18.50 19.54 -5.15
N GLN A 36 -17.61 19.34 -6.10
CA GLN A 36 -16.42 18.49 -5.94
C GLN A 36 -15.55 18.90 -4.77
N VAL A 37 -15.15 20.17 -4.71
CA VAL A 37 -14.35 20.63 -3.59
C VAL A 37 -15.11 20.38 -2.26
N ALA A 38 -16.42 20.71 -2.24
CA ALA A 38 -17.32 20.40 -1.10
C ALA A 38 -17.27 18.92 -0.75
N ALA A 39 -17.42 18.04 -1.76
CA ALA A 39 -17.38 16.59 -1.53
C ALA A 39 -16.01 16.14 -0.96
N ARG A 40 -14.94 16.79 -1.38
CA ARG A 40 -13.61 16.37 -1.03
C ARG A 40 -13.39 16.73 0.44
N GLN A 41 -13.72 17.97 0.80
CA GLN A 41 -13.51 18.43 2.20
C GLN A 41 -14.38 17.61 3.23
N HIS A 42 -15.61 17.24 2.82
CA HIS A 42 -16.51 16.48 3.67
C HIS A 42 -15.93 15.10 3.84
N ASN A 43 -15.62 14.43 2.72
CA ASN A 43 -15.05 13.08 2.78
C ASN A 43 -13.75 13.07 3.63
N ARG A 44 -12.92 14.08 3.49
CA ARG A 44 -11.72 14.15 4.26
C ARG A 44 -11.94 14.17 5.74
N LYS A 45 -12.98 14.87 6.19
CA LYS A 45 -13.29 14.79 7.61
C LYS A 45 -13.74 13.42 8.05
N ILE A 46 -14.41 12.68 7.18
CA ILE A 46 -14.79 11.31 7.51
C ILE A 46 -13.48 10.45 7.62
N VAL A 47 -12.57 10.58 6.67
CA VAL A 47 -11.28 9.90 6.79
C VAL A 47 -10.58 10.26 8.08
N GLU A 48 -10.51 11.54 8.45
CA GLU A 48 -9.88 11.91 9.73
C GLU A 48 -10.55 11.25 10.95
N GLN A 49 -11.88 11.20 10.92
CA GLN A 49 -12.61 10.69 12.05
C GLN A 49 -12.36 9.21 12.16
N TYR A 50 -12.42 8.51 11.02
CA TYR A 50 -12.16 7.08 10.95
C TYR A 50 -10.81 6.77 11.58
N MET A 51 -9.77 7.50 11.16
CA MET A 51 -8.42 7.26 11.63
C MET A 51 -8.19 7.59 13.08
N HIS A 52 -8.93 8.53 13.66
CA HIS A 52 -8.68 8.94 15.08
C HIS A 52 -9.62 8.27 16.08
N THR A 53 -10.43 7.34 15.61
CA THR A 53 -11.41 6.65 16.47
C THR A 53 -10.68 5.68 17.33
N ARG A 54 -10.96 5.70 18.63
CA ARG A 54 -10.30 4.80 19.57
C ARG A 54 -11.25 4.35 20.63
N GLY A 55 -10.79 3.33 21.40
CA GLY A 55 -11.55 2.76 22.51
C GLY A 55 -12.97 2.39 22.08
N GLU A 56 -13.89 2.71 22.96
CA GLU A 56 -15.31 2.39 22.83
C GLU A 56 -16.00 2.95 21.58
N ALA A 57 -15.53 4.10 21.10
CA ALA A 57 -16.05 4.72 19.91
C ALA A 57 -15.85 3.80 18.69
N ARG A 58 -14.92 2.84 18.76
CA ARG A 58 -14.74 1.86 17.68
C ARG A 58 -16.01 1.02 17.47
N LEU A 59 -16.82 0.81 18.52
CA LEU A 59 -18.11 0.13 18.33
C LEU A 59 -19.11 0.86 17.32
N LYS A 60 -18.90 2.13 17.05
CA LYS A 60 -19.80 2.96 16.26
C LYS A 60 -19.23 3.43 14.92
N ARG A 61 -18.03 3.00 14.60
CA ARG A 61 -17.39 3.49 13.39
C ARG A 61 -18.07 2.95 12.11
N HIS A 62 -18.76 1.80 12.25
CA HIS A 62 -19.47 1.21 11.20
C HIS A 62 -20.53 2.16 10.64
N LEU A 63 -20.93 3.13 11.45
CA LEU A 63 -21.88 4.13 10.99
C LEU A 63 -21.29 5.09 9.94
N LEU A 64 -20.00 5.06 9.70
CA LEU A 64 -19.41 5.95 8.67
C LEU A 64 -19.52 5.33 7.29
N PHE A 65 -20.02 4.09 7.21
CA PHE A 65 -20.07 3.35 5.99
C PHE A 65 -21.43 3.48 5.36
N THR A 66 -21.51 3.21 4.06
CA THR A 66 -22.83 3.09 3.46
C THR A 66 -23.38 1.78 4.03
N GLU A 67 -24.66 1.59 3.82
CA GLU A 67 -25.35 0.40 4.25
C GLU A 67 -24.75 -0.84 3.60
N ASP A 68 -24.48 -0.74 2.31
CA ASP A 68 -23.86 -1.85 1.54
C ASP A 68 -22.35 -1.85 1.63
N GLY A 69 -21.80 -1.10 2.58
CA GLY A 69 -20.40 -0.75 2.59
C GLY A 69 -19.52 -1.96 2.81
N VAL A 70 -18.31 -1.92 2.25
CA VAL A 70 -17.34 -2.99 2.46
C VAL A 70 -16.08 -2.42 3.13
N GLY A 71 -15.65 -3.11 4.16
CA GLY A 71 -14.37 -2.80 4.80
C GLY A 71 -13.57 -4.06 4.91
N GLY A 72 -12.25 -3.95 5.04
CA GLY A 72 -11.48 -5.10 5.49
C GLY A 72 -9.99 -5.13 5.14
N LEU A 73 -9.41 -6.33 5.27
CA LEU A 73 -7.95 -6.57 5.04
C LEU A 73 -7.65 -7.19 3.66
N TRP A 74 -6.89 -6.50 2.80
CA TRP A 74 -6.67 -6.93 1.45
C TRP A 74 -5.37 -7.68 1.31
N THR A 75 -4.55 -7.68 2.33
CA THR A 75 -3.24 -8.37 2.28
C THR A 75 -3.27 -9.47 3.38
N THR A 76 -3.61 -10.71 2.98
CA THR A 76 -3.71 -11.82 3.93
C THR A 76 -2.74 -12.93 3.55
N ASP A 77 -2.51 -13.85 4.50
CA ASP A 77 -1.67 -15.02 4.22
C ASP A 77 -2.25 -15.88 3.11
N SER A 78 -3.57 -15.95 3.02
CA SER A 78 -4.24 -16.77 2.05
C SER A 78 -4.22 -16.12 0.68
N GLY A 79 -3.94 -14.82 0.55
CA GLY A 79 -4.01 -14.17 -0.77
C GLY A 79 -5.40 -13.65 -1.17
N GLN A 80 -6.47 -14.06 -0.49
CA GLN A 80 -7.78 -13.45 -0.68
C GLN A 80 -8.05 -12.40 0.41
N PRO A 81 -8.76 -11.32 0.08
CA PRO A 81 -9.24 -10.40 1.12
C PRO A 81 -10.14 -10.99 2.18
N ILE A 82 -10.00 -10.53 3.40
CA ILE A 82 -11.02 -10.70 4.42
C ILE A 82 -11.93 -9.47 4.31
N ALA A 83 -12.97 -9.53 3.46
CA ALA A 83 -13.86 -8.38 3.23
C ALA A 83 -15.14 -8.59 4.03
N ILE A 84 -15.55 -7.60 4.80
CA ILE A 84 -16.71 -7.64 5.70
C ILE A 84 -17.70 -6.70 5.00
N ARG A 85 -18.79 -7.28 4.53
CA ARG A 85 -19.76 -6.65 3.67
C ARG A 85 -21.03 -6.22 4.46
N GLY A 86 -21.29 -4.93 4.45
CA GLY A 86 -22.50 -4.35 4.97
C GLY A 86 -22.32 -3.74 6.34
N ARG A 87 -23.10 -2.71 6.61
CA ARG A 87 -22.94 -1.90 7.82
C ARG A 87 -23.17 -2.74 9.08
N GLU A 88 -24.19 -3.58 9.05
CA GLU A 88 -24.48 -4.37 10.23
C GLU A 88 -23.33 -5.28 10.57
N LYS A 89 -22.82 -5.99 9.57
CA LYS A 89 -21.67 -6.89 9.78
C LYS A 89 -20.40 -6.18 10.22
N LEU A 90 -20.17 -4.97 9.70
CA LEU A 90 -19.03 -4.17 10.11
C LEU A 90 -19.11 -3.95 11.63
N GLY A 91 -20.34 -3.64 12.09
CA GLY A 91 -20.64 -3.42 13.51
C GLY A 91 -20.26 -4.60 14.41
N GLU A 92 -20.75 -5.78 14.04
CA GLU A 92 -20.47 -7.05 14.73
C GLU A 92 -18.97 -7.37 14.71
N HIS A 93 -18.32 -7.08 13.61
CA HIS A 93 -16.90 -7.43 13.50
C HIS A 93 -16.05 -6.41 14.29
N ALA A 94 -16.58 -5.19 14.54
CA ALA A 94 -15.89 -4.26 15.46
C ALA A 94 -15.97 -4.73 16.93
N VAL A 95 -17.02 -5.49 17.27
CA VAL A 95 -17.09 -6.14 18.59
C VAL A 95 -15.91 -7.18 18.80
N TRP A 96 -15.70 -8.09 17.86
CA TRP A 96 -14.58 -9.07 17.79
C TRP A 96 -13.24 -8.37 17.83
N SER A 97 -13.18 -7.29 17.08
CA SER A 97 -11.97 -6.56 16.94
C SER A 97 -11.58 -5.86 18.20
N LEU A 98 -12.53 -5.47 19.04
CA LEU A 98 -12.21 -4.82 20.29
C LEU A 98 -11.72 -5.80 21.40
N GLN A 99 -12.05 -7.10 21.28
CA GLN A 99 -11.41 -8.17 22.07
C GLN A 99 -9.99 -8.52 21.50
N CYS A 100 -9.81 -8.60 20.18
CA CYS A 100 -8.52 -9.01 19.55
C CYS A 100 -7.42 -7.97 19.57
N PHE A 101 -7.82 -6.72 19.45
CA PHE A 101 -6.92 -5.60 19.41
C PHE A 101 -7.44 -4.58 20.43
N PRO A 102 -7.30 -4.87 21.74
CA PRO A 102 -8.04 -4.07 22.75
C PRO A 102 -7.67 -2.61 22.90
N ASP A 103 -6.46 -2.19 22.53
CA ASP A 103 -5.98 -0.81 22.72
C ASP A 103 -5.38 -0.21 21.44
N TRP A 104 -5.72 -0.77 20.30
CA TRP A 104 -5.19 -0.37 19.03
C TRP A 104 -5.27 1.12 18.78
N VAL A 105 -4.18 1.72 18.26
CA VAL A 105 -4.15 3.14 17.83
C VAL A 105 -3.43 3.28 16.48
N TRP A 106 -3.93 4.16 15.62
CA TRP A 106 -3.24 4.53 14.42
C TRP A 106 -2.41 5.78 14.72
N THR A 107 -1.15 5.83 14.24
CA THR A 107 -0.23 6.97 14.46
C THR A 107 0.43 7.41 13.14
N ASP A 108 1.09 8.55 13.17
CA ASP A 108 1.91 8.98 12.08
C ASP A 108 1.03 8.97 10.80
N ILE A 109 -0.19 9.47 10.94
CA ILE A 109 -1.20 9.50 9.91
C ILE A 109 -0.92 10.58 8.80
N GLN A 110 -0.93 10.18 7.53
CA GLN A 110 -0.91 11.13 6.46
C GLN A 110 -2.00 10.81 5.51
N ILE A 111 -2.81 11.81 5.21
CA ILE A 111 -3.95 11.71 4.33
C ILE A 111 -3.63 12.27 2.96
N PHE A 112 -3.91 11.46 1.96
CA PHE A 112 -3.77 11.88 0.60
C PHE A 112 -5.13 11.95 -0.07
N GLU A 113 -5.43 13.16 -0.53
CA GLU A 113 -6.48 13.46 -1.45
C GLU A 113 -6.04 13.03 -2.81
N THR A 114 -6.99 12.73 -3.69
CA THR A 114 -6.64 12.42 -5.10
C THR A 114 -7.45 13.27 -6.06
N GLN A 115 -7.23 13.09 -7.34
CA GLN A 115 -8.01 13.74 -8.37
C GLN A 115 -9.48 13.34 -8.27
N ASP A 116 -9.80 12.19 -7.66
CA ASP A 116 -11.18 11.74 -7.46
C ASP A 116 -11.61 12.24 -6.07
N PRO A 117 -12.66 13.09 -5.98
CA PRO A 117 -12.99 13.64 -4.66
C PRO A 117 -13.59 12.57 -3.76
N ASN A 118 -13.98 11.44 -4.35
CA ASN A 118 -14.45 10.31 -3.59
C ASN A 118 -13.43 9.17 -3.34
N TRP A 119 -12.14 9.39 -3.62
CA TRP A 119 -11.08 8.38 -3.34
C TRP A 119 -9.91 8.98 -2.55
N PHE A 120 -9.64 8.42 -1.38
CA PHE A 120 -8.50 8.85 -0.56
C PHE A 120 -7.57 7.67 -0.20
N TRP A 121 -6.29 7.96 0.00
CA TRP A 121 -5.32 7.04 0.52
C TRP A 121 -4.74 7.61 1.83
N VAL A 122 -4.44 6.72 2.75
CA VAL A 122 -3.83 7.05 3.97
C VAL A 122 -2.56 6.17 4.18
N GLU A 123 -1.44 6.80 4.54
CA GLU A 123 -0.27 6.05 4.99
C GLU A 123 -0.16 6.34 6.49
N CYS A 124 -0.02 5.28 7.29
CA CYS A 124 0.10 5.40 8.73
C CYS A 124 0.84 4.21 9.34
N ARG A 125 1.17 4.33 10.62
CA ARG A 125 1.58 3.19 11.46
C ARG A 125 0.39 2.79 12.32
N GLY A 126 0.51 1.65 12.95
CA GLY A 126 -0.55 1.09 13.78
C GLY A 126 0.15 0.23 14.80
N GLU A 127 -0.28 0.29 16.06
CA GLU A 127 0.13 -0.70 17.02
C GLU A 127 -0.79 -0.91 18.21
N GLY A 128 -0.60 -2.06 18.84
CA GLY A 128 -1.32 -2.42 20.04
C GLY A 128 -1.19 -3.91 20.32
N ALA A 129 -1.78 -4.33 21.42
CA ALA A 129 -1.80 -5.74 21.84
C ALA A 129 -2.60 -6.52 20.80
N ILE A 130 -2.14 -7.71 20.47
CA ILE A 130 -2.86 -8.65 19.67
C ILE A 130 -3.16 -9.85 20.55
N VAL A 131 -4.44 -10.23 20.59
CA VAL A 131 -4.91 -11.19 21.54
C VAL A 131 -5.85 -12.13 20.71
N PHE A 132 -5.31 -13.14 20.01
CA PHE A 132 -6.06 -14.07 19.14
C PHE A 132 -6.19 -15.37 19.88
N PRO A 133 -7.36 -16.03 19.73
CA PRO A 133 -7.47 -17.41 20.24
C PRO A 133 -6.35 -18.35 19.75
N GLY A 134 -5.75 -19.06 20.69
CA GLY A 134 -4.79 -20.05 20.31
C GLY A 134 -3.43 -19.53 19.97
N TYR A 135 -3.14 -18.24 20.10
CA TYR A 135 -1.78 -17.72 20.02
C TYR A 135 -1.40 -16.91 21.25
N PRO A 136 -0.10 -16.94 21.60
CA PRO A 136 0.31 -16.13 22.73
C PRO A 136 0.05 -14.63 22.50
N ARG A 137 -0.41 -13.97 23.54
CA ARG A 137 -0.64 -12.53 23.44
C ARG A 137 0.63 -11.88 23.00
N GLY A 138 0.56 -10.91 22.08
CA GLY A 138 1.75 -10.21 21.66
C GLY A 138 1.59 -8.70 21.51
N GLN A 139 2.57 -8.07 20.91
CA GLN A 139 2.44 -6.66 20.60
C GLN A 139 2.59 -6.56 19.09
N TYR A 140 1.54 -6.14 18.38
CA TYR A 140 1.53 -6.07 16.96
C TYR A 140 1.83 -4.63 16.51
N ARG A 141 2.78 -4.46 15.63
CA ARG A 141 2.99 -3.15 15.01
C ARG A 141 3.25 -3.33 13.54
N ASN A 142 2.75 -2.40 12.74
CA ASN A 142 2.92 -2.52 11.32
C ASN A 142 2.84 -1.12 10.68
N HIS A 143 3.17 -1.15 9.39
CA HIS A 143 3.02 -0.06 8.49
CA HIS A 143 3.05 -0.05 8.46
C HIS A 143 1.84 -0.37 7.58
N PHE A 144 0.95 0.60 7.38
CA PHE A 144 -0.29 0.40 6.70
C PHE A 144 -0.56 1.45 5.60
N LEU A 145 -1.18 0.98 4.48
CA LEU A 145 -1.84 1.80 3.54
C LEU A 145 -3.35 1.47 3.56
N HIS A 146 -4.16 2.51 3.54
CA HIS A 146 -5.59 2.36 3.50
C HIS A 146 -6.16 3.13 2.25
N SER A 147 -7.06 2.48 1.53
CA SER A 147 -7.82 3.06 0.44
C SER A 147 -9.27 3.30 0.98
N PHE A 148 -9.76 4.51 0.83
CA PHE A 148 -11.16 4.84 1.12
C PHE A 148 -11.86 5.40 -0.08
N ARG A 149 -12.92 4.71 -0.48
CA ARG A 149 -13.74 5.17 -1.57
C ARG A 149 -15.10 5.49 -1.00
N PHE A 150 -15.61 6.65 -1.37
CA PHE A 150 -16.88 7.18 -0.86
C PHE A 150 -18.02 7.16 -1.85
N GLU A 151 -19.22 7.20 -1.27
CA GLU A 151 -20.48 7.32 -2.00
C GLU A 151 -21.47 8.09 -1.10
N ASN A 152 -21.93 9.25 -1.56
CA ASN A 152 -22.89 10.10 -0.80
C ASN A 152 -22.38 10.43 0.58
N GLY A 153 -21.10 10.73 0.65
CA GLY A 153 -20.47 11.10 1.90
C GLY A 153 -20.25 10.01 2.93
N LEU A 154 -20.48 8.75 2.56
CA LEU A 154 -20.18 7.66 3.45
C LEU A 154 -19.17 6.76 2.78
N ILE A 155 -18.55 5.87 3.57
CA ILE A 155 -17.53 4.98 3.03
C ILE A 155 -18.24 3.76 2.35
N LYS A 156 -18.00 3.60 1.07
CA LYS A 156 -18.53 2.46 0.28
C LYS A 156 -17.50 1.30 0.37
N GLU A 157 -16.21 1.65 0.34
CA GLU A 157 -15.12 0.61 0.37
C GLU A 157 -13.89 1.12 1.06
N GLN A 158 -13.57 0.50 2.19
CA GLN A 158 -12.31 0.68 2.88
C GLN A 158 -11.46 -0.58 2.68
N ARG A 159 -10.19 -0.41 2.26
CA ARG A 159 -9.24 -1.57 2.14
C ARG A 159 -7.94 -1.27 2.90
N GLU A 160 -7.55 -2.20 3.74
CA GLU A 160 -6.25 -2.08 4.42
C GLU A 160 -5.18 -2.96 3.77
N PHE A 161 -3.97 -2.45 3.61
CA PHE A 161 -2.88 -3.15 3.04
C PHE A 161 -1.73 -3.03 3.98
N MET A 162 -1.17 -4.20 4.36
CA MET A 162 0.05 -4.18 5.21
C MET A 162 0.94 -5.31 4.84
N ASN A 163 1.97 -5.50 5.65
CA ASN A 163 2.88 -6.62 5.51
C ASN A 163 2.47 -7.78 6.47
N PRO A 164 1.87 -8.85 5.98
CA PRO A 164 1.43 -9.88 6.91
C PRO A 164 2.53 -10.51 7.80
N CYS A 165 3.80 -10.42 7.37
CA CYS A 165 4.92 -11.02 8.09
C CYS A 165 5.09 -10.39 9.44
N GLU A 166 4.76 -9.11 9.59
CA GLU A 166 4.79 -8.44 10.92
C GLU A 166 3.68 -8.97 11.80
N GLN A 167 2.58 -9.36 11.22
CA GLN A 167 1.58 -9.96 12.04
C GLN A 167 1.95 -11.37 12.46
N PHE A 168 2.47 -12.18 11.55
CA PHE A 168 3.05 -13.46 11.95
C PHE A 168 3.99 -13.30 13.13
N ARG A 169 4.94 -12.40 13.00
CA ARG A 169 5.91 -12.24 14.03
C ARG A 169 5.26 -11.91 15.39
N SER A 170 4.22 -11.08 15.37
CA SER A 170 3.61 -10.64 16.62
C SER A 170 2.90 -11.82 17.28
N LEU A 171 2.60 -12.84 16.50
CA LEU A 171 1.89 -14.00 16.98
C LEU A 171 2.82 -15.21 17.32
N GLY A 172 4.12 -15.03 17.24
CA GLY A 172 5.04 -16.13 17.52
C GLY A 172 5.20 -17.08 16.32
N ILE A 173 4.61 -16.75 15.17
CA ILE A 173 4.56 -17.64 14.01
C ILE A 173 5.85 -17.44 13.20
N GLU A 174 6.56 -18.54 12.91
CA GLU A 174 7.84 -18.46 12.19
C GLU A 174 7.67 -17.88 10.78
N VAL A 175 8.51 -16.92 10.44
CA VAL A 175 8.44 -16.26 9.12
C VAL A 175 9.54 -16.81 8.26
N PRO A 176 9.21 -17.38 7.10
CA PRO A 176 10.32 -17.81 6.25
C PRO A 176 11.17 -16.62 5.71
N GLU A 177 12.40 -16.96 5.34
CA GLU A 177 13.38 -15.99 4.84
C GLU A 177 13.58 -16.22 3.35
N VAL A 178 13.42 -15.17 2.55
CA VAL A 178 13.74 -15.27 1.12
C VAL A 178 15.25 -15.06 0.91
N ARG A 179 15.92 -16.00 0.27
CA ARG A 179 17.32 -15.78 -0.10
C ARG A 179 17.38 -14.94 -1.35
N ARG A 180 18.03 -13.76 -1.32
CA ARG A 180 18.22 -12.96 -2.57
C ARG A 180 19.69 -12.87 -3.04
N ASP A 181 20.20 -13.93 -3.66
CA ASP A 181 21.62 -14.00 -4.08
C ASP A 181 21.89 -13.16 -5.36
N GLY A 182 23.12 -12.65 -5.46
CA GLY A 182 23.44 -11.66 -6.47
C GLY A 182 22.95 -10.26 -6.12
N LEU A 183 22.14 -10.10 -5.06
CA LEU A 183 21.58 -8.77 -4.72
C LEU A 183 22.76 -7.84 -4.51
N PRO A 184 22.83 -6.72 -5.26
CA PRO A 184 24.00 -5.84 -5.11
C PRO A 184 23.87 -4.75 -4.00
N SER A 185 25.02 -4.08 -3.76
CA SER A 185 25.11 -2.85 -2.94
C SER A 185 26.36 -2.03 -3.32
N GLU B 28 -8.43 29.23 -8.27
CA GLU B 28 -8.28 30.40 -9.19
C GLU B 28 -7.05 30.31 -10.11
N ASN B 29 -7.07 31.11 -11.18
CA ASN B 29 -6.00 31.17 -12.19
C ASN B 29 -4.90 32.23 -11.86
N THR B 30 -4.14 31.94 -10.80
CA THR B 30 -2.87 32.60 -10.45
C THR B 30 -1.67 31.81 -11.04
N SER B 31 -0.56 32.50 -11.26
CA SER B 31 0.66 31.89 -11.84
C SER B 31 1.30 30.77 -10.97
N GLU B 32 1.04 30.83 -9.66
CA GLU B 32 1.52 29.83 -8.68
C GLU B 32 0.77 28.51 -8.76
N ASN B 33 -0.54 28.61 -8.93
CA ASN B 33 -1.36 27.46 -9.16
C ASN B 33 -1.12 26.92 -10.56
N ARG B 34 -0.68 27.78 -11.47
CA ARG B 34 -0.26 27.27 -12.79
C ARG B 34 1.05 26.46 -12.72
N ALA B 35 2.00 26.95 -11.92
CA ALA B 35 3.26 26.27 -11.71
C ALA B 35 2.98 24.89 -11.06
N GLN B 36 2.22 24.86 -9.98
CA GLN B 36 1.80 23.63 -9.36
C GLN B 36 1.18 22.61 -10.33
N VAL B 37 0.23 23.09 -11.13
CA VAL B 37 -0.42 22.26 -12.14
C VAL B 37 0.58 21.78 -13.21
N ALA B 38 1.39 22.71 -13.74
CA ALA B 38 2.50 22.35 -14.63
C ALA B 38 3.34 21.19 -14.07
N ALA B 39 3.93 21.39 -12.89
CA ALA B 39 4.74 20.36 -12.22
C ALA B 39 4.00 19.02 -12.03
N ARG B 40 2.74 19.11 -11.60
CA ARG B 40 1.94 17.94 -11.41
C ARG B 40 1.88 17.18 -12.74
N GLN B 41 1.64 17.88 -13.83
CA GLN B 41 1.52 17.28 -15.17
C GLN B 41 2.84 16.66 -15.66
N HIS B 42 3.95 17.32 -15.42
CA HIS B 42 5.24 16.76 -15.79
C HIS B 42 5.54 15.52 -14.91
N ASN B 43 5.33 15.64 -13.61
CA ASN B 43 5.59 14.49 -12.70
C ASN B 43 4.76 13.26 -13.09
N ARG B 44 3.51 13.47 -13.38
CA ARG B 44 2.64 12.39 -13.84
C ARG B 44 3.14 11.65 -15.06
N LYS B 45 3.65 12.40 -16.05
CA LYS B 45 4.15 11.75 -17.26
C LYS B 45 5.36 10.87 -16.86
N ILE B 46 6.19 11.30 -15.91
CA ILE B 46 7.32 10.48 -15.43
C ILE B 46 6.79 9.23 -14.75
N VAL B 47 5.69 9.32 -13.98
CA VAL B 47 5.12 8.12 -13.35
C VAL B 47 4.68 7.16 -14.40
N GLU B 48 4.04 7.67 -15.44
CA GLU B 48 3.54 6.82 -16.51
C GLU B 48 4.67 6.14 -17.28
N GLN B 49 5.73 6.89 -17.50
CA GLN B 49 6.87 6.35 -18.16
C GLN B 49 7.52 5.24 -17.30
N TYR B 50 7.65 5.49 -16.00
CA TYR B 50 8.22 4.50 -15.11
C TYR B 50 7.37 3.23 -15.20
N MET B 51 6.07 3.37 -15.15
CA MET B 51 5.25 2.19 -15.01
C MET B 51 5.19 1.40 -16.29
N HIS B 52 5.40 2.05 -17.44
CA HIS B 52 5.33 1.36 -18.77
C HIS B 52 6.68 0.98 -19.32
N THR B 53 7.74 1.15 -18.56
CA THR B 53 9.07 0.74 -19.00
C THR B 53 9.22 -0.77 -18.94
N ARG B 54 9.64 -1.35 -20.05
CA ARG B 54 9.79 -2.80 -20.27
C ARG B 54 11.07 -3.16 -21.01
N GLY B 55 11.47 -4.41 -20.85
CA GLY B 55 12.60 -4.99 -21.57
C GLY B 55 13.87 -4.20 -21.33
N GLU B 56 14.65 -3.96 -22.40
CA GLU B 56 15.97 -3.33 -22.29
C GLU B 56 15.92 -1.91 -21.69
N ALA B 57 14.83 -1.19 -21.91
CA ALA B 57 14.73 0.18 -21.41
C ALA B 57 14.75 0.23 -19.86
N ARG B 58 14.47 -0.89 -19.22
CA ARG B 58 14.60 -1.00 -17.78
C ARG B 58 16.00 -0.65 -17.26
N LEU B 59 17.01 -0.84 -18.11
CA LEU B 59 18.40 -0.49 -17.75
C LEU B 59 18.65 1.02 -17.72
N LYS B 60 17.77 1.79 -18.34
CA LYS B 60 17.87 3.25 -18.31
C LYS B 60 16.87 3.95 -17.36
N ARG B 61 16.02 3.19 -16.69
CA ARG B 61 15.02 3.79 -15.81
C ARG B 61 15.63 4.58 -14.66
N HIS B 62 16.88 4.27 -14.27
CA HIS B 62 17.53 4.97 -13.18
C HIS B 62 17.74 6.43 -13.45
N LEU B 63 17.73 6.79 -14.74
CA LEU B 63 17.80 8.18 -15.21
C LEU B 63 16.53 9.01 -14.86
N LEU B 64 15.45 8.37 -14.38
CA LEU B 64 14.27 9.12 -13.98
C LEU B 64 14.42 9.61 -12.53
N PHE B 65 15.47 9.17 -11.85
CA PHE B 65 15.73 9.55 -10.44
C PHE B 65 16.74 10.70 -10.29
N THR B 66 16.71 11.37 -9.12
CA THR B 66 17.68 12.41 -8.77
C THR B 66 18.98 11.65 -8.50
N GLU B 67 20.09 12.37 -8.52
CA GLU B 67 21.39 11.76 -8.22
C GLU B 67 21.36 10.93 -6.93
N ASP B 68 20.71 11.47 -5.91
CA ASP B 68 20.65 10.82 -4.59
C ASP B 68 19.31 10.10 -4.37
N GLY B 69 18.64 9.77 -5.47
CA GLY B 69 17.34 9.12 -5.42
C GLY B 69 17.40 7.76 -4.76
N VAL B 70 16.29 7.34 -4.19
CA VAL B 70 16.13 6.10 -3.52
C VAL B 70 14.89 5.38 -4.10
N GLY B 71 15.02 4.09 -4.30
CA GLY B 71 13.95 3.29 -4.83
C GLY B 71 14.01 2.02 -4.03
N GLY B 72 13.03 1.13 -4.15
CA GLY B 72 13.12 -0.20 -3.56
C GLY B 72 11.84 -0.79 -2.96
N LEU B 73 12.00 -1.89 -2.21
CA LEU B 73 10.88 -2.67 -1.71
C LEU B 73 10.71 -2.47 -0.22
N TRP B 74 9.53 -1.99 0.16
CA TRP B 74 9.25 -1.65 1.51
C TRP B 74 8.57 -2.74 2.25
N THR B 75 8.13 -3.81 1.62
CA THR B 75 7.44 -4.87 2.36
C THR B 75 8.22 -6.16 2.08
N THR B 76 9.04 -6.60 3.04
CA THR B 76 9.85 -7.79 2.87
C THR B 76 9.55 -8.69 4.04
N ASP B 77 10.03 -9.92 3.94
CA ASP B 77 9.89 -10.84 5.04
C ASP B 77 10.66 -10.41 6.28
N SER B 78 11.78 -9.70 6.10
CA SER B 78 12.59 -9.29 7.23
C SER B 78 11.89 -8.21 8.00
N GLY B 79 11.05 -7.42 7.35
CA GLY B 79 10.43 -6.31 8.04
C GLY B 79 11.23 -5.04 7.83
N GLN B 80 12.39 -5.11 7.19
CA GLN B 80 13.17 -3.91 6.86
C GLN B 80 13.09 -3.69 5.35
N PRO B 81 12.95 -2.43 4.93
CA PRO B 81 13.00 -2.08 3.50
C PRO B 81 14.29 -2.46 2.80
N ILE B 82 14.16 -3.02 1.62
CA ILE B 82 15.33 -3.08 0.72
C ILE B 82 15.46 -1.76 -0.08
N ALA B 83 16.22 -0.80 0.42
CA ALA B 83 16.35 0.52 -0.19
C ALA B 83 17.66 0.67 -0.96
N ILE B 84 17.57 0.92 -2.25
CA ILE B 84 18.77 1.15 -3.11
C ILE B 84 18.96 2.67 -3.23
N ARG B 85 20.12 3.20 -2.79
CA ARG B 85 20.36 4.66 -2.71
C ARG B 85 21.28 5.11 -3.79
N GLY B 86 20.89 6.17 -4.50
CA GLY B 86 21.70 6.73 -5.58
C GLY B 86 21.39 6.12 -6.94
N ARG B 87 21.45 6.97 -7.96
CA ARG B 87 21.22 6.63 -9.36
C ARG B 87 22.12 5.48 -9.90
N GLU B 88 23.42 5.54 -9.65
CA GLU B 88 24.35 4.47 -10.06
C GLU B 88 23.92 3.12 -9.47
N LYS B 89 23.64 3.13 -8.16
CA LYS B 89 23.18 1.88 -7.47
C LYS B 89 21.84 1.41 -7.98
N LEU B 90 20.98 2.35 -8.36
CA LEU B 90 19.70 1.96 -8.96
C LEU B 90 19.94 1.33 -10.33
N GLY B 91 20.88 1.94 -11.04
CA GLY B 91 21.34 1.42 -12.36
C GLY B 91 21.81 -0.02 -12.23
N GLU B 92 22.62 -0.27 -11.20
CA GLU B 92 23.24 -1.60 -11.02
C GLU B 92 22.18 -2.63 -10.68
N HIS B 93 21.29 -2.25 -9.78
CA HIS B 93 20.20 -3.10 -9.35
C HIS B 93 19.18 -3.39 -10.47
N ALA B 94 19.00 -2.44 -11.38
CA ALA B 94 18.18 -2.73 -12.58
C ALA B 94 18.75 -3.96 -13.38
N VAL B 95 20.08 -4.11 -13.44
CA VAL B 95 20.70 -5.31 -14.13
C VAL B 95 20.30 -6.64 -13.43
N TRP B 96 20.38 -6.69 -12.09
CA TRP B 96 20.00 -7.84 -11.29
C TRP B 96 18.51 -8.19 -11.50
N SER B 97 17.73 -7.11 -11.59
CA SER B 97 16.32 -7.19 -11.75
C SER B 97 15.86 -7.77 -13.11
N LEU B 98 16.62 -7.46 -14.14
CA LEU B 98 16.38 -8.01 -15.47
C LEU B 98 16.67 -9.50 -15.54
N GLN B 99 17.68 -9.96 -14.79
CA GLN B 99 17.97 -11.38 -14.62
C GLN B 99 16.86 -12.04 -13.81
N CYS B 100 16.49 -11.43 -12.68
CA CYS B 100 15.54 -12.12 -11.79
C CYS B 100 14.10 -12.05 -12.26
N PHE B 101 13.74 -10.97 -12.92
CA PHE B 101 12.36 -10.82 -13.49
C PHE B 101 12.41 -10.46 -15.00
N PRO B 102 12.68 -11.45 -15.87
CA PRO B 102 13.13 -11.18 -17.22
C PRO B 102 12.05 -10.65 -18.11
N ASP B 103 10.79 -10.89 -17.76
CA ASP B 103 9.73 -10.50 -18.65
C ASP B 103 8.63 -9.69 -17.93
N TRP B 104 9.00 -9.02 -16.84
CA TRP B 104 8.06 -8.36 -15.97
C TRP B 104 7.18 -7.32 -16.61
N VAL B 105 5.85 -7.40 -16.40
CA VAL B 105 4.98 -6.30 -16.81
C VAL B 105 4.09 -5.81 -15.68
N TRP B 106 3.85 -4.49 -15.63
CA TRP B 106 2.86 -3.94 -14.72
C TRP B 106 1.55 -3.80 -15.48
N THR B 107 0.44 -4.10 -14.81
CA THR B 107 -0.87 -4.02 -15.44
C THR B 107 -1.91 -3.40 -14.50
N ASP B 108 -3.11 -3.20 -15.04
CA ASP B 108 -4.26 -2.60 -14.38
C ASP B 108 -3.81 -1.35 -13.64
N ILE B 109 -3.06 -0.49 -14.30
CA ILE B 109 -2.36 0.60 -13.66
C ILE B 109 -3.27 1.76 -13.34
N GLN B 110 -3.19 2.30 -12.12
CA GLN B 110 -4.09 3.44 -11.74
C GLN B 110 -3.24 4.44 -11.01
N ILE B 111 -3.16 5.64 -11.59
CA ILE B 111 -2.32 6.66 -11.02
C ILE B 111 -3.17 7.66 -10.19
N PHE B 112 -2.74 7.94 -8.96
CA PHE B 112 -3.38 8.88 -8.07
C PHE B 112 -2.47 10.01 -7.85
N GLU B 113 -2.90 11.17 -8.34
CA GLU B 113 -2.28 12.46 -8.02
C GLU B 113 -2.68 12.80 -6.63
N THR B 114 -1.90 13.62 -5.92
CA THR B 114 -2.34 14.06 -4.61
C THR B 114 -2.35 15.60 -4.49
N GLN B 115 -2.76 16.08 -3.32
CA GLN B 115 -2.64 17.50 -2.99
C GLN B 115 -1.19 17.99 -3.07
N ASP B 116 -0.21 17.10 -2.94
CA ASP B 116 1.20 17.48 -3.14
C ASP B 116 1.54 17.18 -4.60
N PRO B 117 1.82 18.22 -5.40
CA PRO B 117 2.12 17.93 -6.80
C PRO B 117 3.41 17.08 -6.98
N ASN B 118 4.18 16.92 -5.91
CA ASN B 118 5.37 16.14 -5.92
C ASN B 118 5.22 14.73 -5.32
N TRP B 119 3.99 14.29 -5.15
CA TRP B 119 3.71 13.00 -4.51
C TRP B 119 2.53 12.36 -5.23
N PHE B 120 2.77 11.15 -5.75
CA PHE B 120 1.81 10.30 -6.38
C PHE B 120 1.76 8.90 -5.75
N TRP B 121 0.60 8.26 -5.75
CA TRP B 121 0.51 6.86 -5.47
C TRP B 121 -0.01 6.14 -6.73
N VAL B 122 0.37 4.88 -6.91
CA VAL B 122 -0.09 4.04 -8.01
C VAL B 122 -0.58 2.69 -7.44
N GLU B 123 -1.69 2.20 -7.89
CA GLU B 123 -2.16 0.91 -7.48
C GLU B 123 -2.10 0.11 -8.76
N CYS B 124 -1.51 -1.09 -8.73
CA CYS B 124 -1.46 -1.89 -9.99
C CYS B 124 -1.33 -3.40 -9.68
N ARG B 125 -1.33 -4.23 -10.73
CA ARG B 125 -0.88 -5.57 -10.58
C ARG B 125 0.44 -5.71 -11.30
N GLY B 126 1.03 -6.87 -11.17
CA GLY B 126 2.20 -7.25 -11.92
C GLY B 126 2.27 -8.75 -12.05
N GLU B 127 2.90 -9.19 -13.12
CA GLU B 127 3.07 -10.57 -13.41
C GLU B 127 4.36 -10.78 -14.19
N GLY B 128 5.01 -11.93 -13.93
CA GLY B 128 6.07 -12.46 -14.82
C GLY B 128 6.83 -13.59 -14.14
N ALA B 129 7.83 -14.14 -14.86
CA ALA B 129 8.68 -15.19 -14.34
C ALA B 129 9.49 -14.60 -13.18
N ILE B 130 9.71 -15.43 -12.18
CA ILE B 130 10.64 -15.14 -11.10
C ILE B 130 11.72 -16.26 -11.15
N VAL B 131 12.99 -15.83 -11.19
CA VAL B 131 14.19 -16.73 -11.36
C VAL B 131 15.19 -16.27 -10.32
N PHE B 132 15.00 -16.73 -9.08
CA PHE B 132 15.87 -16.38 -8.00
C PHE B 132 16.84 -17.56 -7.81
N PRO B 133 18.14 -17.27 -7.57
CA PRO B 133 18.99 -18.50 -7.38
C PRO B 133 18.56 -19.21 -6.09
N GLY B 134 18.46 -20.51 -6.16
CA GLY B 134 18.20 -21.27 -4.94
C GLY B 134 16.79 -21.80 -4.96
N TYR B 135 16.02 -21.40 -5.96
CA TYR B 135 14.68 -21.89 -6.07
C TYR B 135 14.41 -22.25 -7.50
N PRO B 136 13.37 -23.06 -7.71
CA PRO B 136 12.97 -23.23 -9.08
C PRO B 136 12.31 -21.97 -9.64
N ARG B 137 12.20 -21.95 -10.95
CA ARG B 137 11.69 -20.86 -11.71
C ARG B 137 10.19 -20.86 -11.52
N GLY B 138 9.59 -19.73 -11.20
CA GLY B 138 8.14 -19.70 -11.03
C GLY B 138 7.48 -18.53 -11.73
N GLN B 139 6.15 -18.55 -11.69
CA GLN B 139 5.32 -17.45 -12.16
C GLN B 139 4.91 -16.64 -10.92
N TYR B 140 5.23 -15.34 -10.90
CA TYR B 140 4.91 -14.45 -9.82
C TYR B 140 3.85 -13.45 -10.26
N ARG B 141 2.75 -13.41 -9.53
CA ARG B 141 1.68 -12.42 -9.65
C ARG B 141 1.48 -11.77 -8.29
N ASN B 142 1.20 -10.45 -8.28
CA ASN B 142 0.94 -9.78 -7.03
C ASN B 142 0.10 -8.53 -7.30
N HIS B 143 -0.40 -7.99 -6.20
CA HIS B 143 -1.00 -6.69 -6.14
C HIS B 143 -0.06 -5.68 -5.54
N PHE B 144 0.10 -4.49 -6.11
CA PHE B 144 1.14 -3.55 -5.66
C PHE B 144 0.66 -2.15 -5.42
N LEU B 145 1.27 -1.43 -4.45
CA LEU B 145 1.07 -0.02 -4.33
C LEU B 145 2.42 0.56 -4.47
N HIS B 146 2.55 1.65 -5.19
CA HIS B 146 3.79 2.36 -5.27
C HIS B 146 3.65 3.81 -4.80
N SER B 147 4.68 4.32 -4.14
CA SER B 147 4.73 5.74 -3.75
C SER B 147 5.86 6.36 -4.56
N PHE B 148 5.59 7.50 -5.21
CA PHE B 148 6.58 8.28 -5.92
C PHE B 148 6.63 9.72 -5.39
N ARG B 149 7.77 10.14 -4.85
CA ARG B 149 7.98 11.48 -4.45
C ARG B 149 9.01 12.08 -5.35
N PHE B 150 8.74 13.33 -5.76
CA PHE B 150 9.57 14.09 -6.71
C PHE B 150 10.26 15.30 -6.14
N GLU B 151 11.31 15.71 -6.83
CA GLU B 151 12.03 16.90 -6.51
C GLU B 151 12.69 17.39 -7.77
N ASN B 152 12.42 18.64 -8.11
CA ASN B 152 12.82 19.22 -9.42
C ASN B 152 12.54 18.30 -10.62
N GLY B 153 11.36 17.72 -10.73
CA GLY B 153 11.03 16.93 -11.93
C GLY B 153 11.60 15.49 -11.98
N LEU B 154 12.41 15.10 -11.01
CA LEU B 154 12.97 13.73 -10.94
C LEU B 154 12.51 12.99 -9.67
N ILE B 155 12.53 11.67 -9.72
CA ILE B 155 12.06 10.86 -8.60
C ILE B 155 13.12 10.90 -7.50
N LYS B 156 12.70 11.41 -6.34
CA LYS B 156 13.57 11.48 -5.14
C LYS B 156 13.43 10.17 -4.30
N GLU B 157 12.21 9.66 -4.25
CA GLU B 157 11.95 8.39 -3.55
C GLU B 157 10.84 7.64 -4.21
N GLN B 158 11.10 6.39 -4.57
CA GLN B 158 10.08 5.46 -5.03
C GLN B 158 10.01 4.30 -3.99
N ARG B 159 8.81 3.85 -3.62
CA ARG B 159 8.68 2.73 -2.68
C ARG B 159 7.57 1.82 -3.17
N GLU B 160 7.84 0.52 -3.14
CA GLU B 160 6.88 -0.53 -3.48
C GLU B 160 6.39 -1.22 -2.24
N PHE B 161 5.09 -1.54 -2.20
CA PHE B 161 4.42 -2.22 -1.13
C PHE B 161 3.59 -3.33 -1.76
N MET B 162 3.86 -4.57 -1.36
CA MET B 162 3.08 -5.71 -1.83
C MET B 162 2.89 -6.71 -0.69
N ASN B 163 2.26 -7.86 -0.97
CA ASN B 163 2.08 -8.93 -0.01
C ASN B 163 3.18 -10.00 -0.20
N PRO B 164 4.19 -10.06 0.68
CA PRO B 164 5.31 -10.99 0.52
C PRO B 164 4.82 -12.45 0.44
N CYS B 165 3.64 -12.77 0.92
CA CYS B 165 3.12 -14.12 0.86
C CYS B 165 2.96 -14.57 -0.58
N GLU B 166 2.57 -13.68 -1.50
CA GLU B 166 2.39 -14.12 -2.91
C GLU B 166 3.73 -14.42 -3.52
N GLN B 167 4.75 -13.71 -3.10
CA GLN B 167 6.13 -14.07 -3.56
C GLN B 167 6.59 -15.46 -3.02
N PHE B 168 6.33 -15.76 -1.76
CA PHE B 168 6.61 -17.07 -1.23
C PHE B 168 5.99 -18.15 -2.07
N ARG B 169 4.70 -18.06 -2.32
CA ARG B 169 4.04 -19.02 -3.23
C ARG B 169 4.82 -19.15 -4.54
N SER B 170 5.18 -18.05 -5.18
CA SER B 170 5.79 -18.08 -6.53
C SER B 170 7.13 -18.90 -6.54
N LEU B 171 7.74 -18.99 -5.38
CA LEU B 171 9.02 -19.58 -5.13
C LEU B 171 8.91 -20.94 -4.48
N GLY B 172 7.69 -21.44 -4.27
CA GLY B 172 7.48 -22.77 -3.67
C GLY B 172 7.73 -22.83 -2.14
N ILE B 173 7.75 -21.67 -1.50
CA ILE B 173 8.03 -21.58 -0.07
C ILE B 173 6.68 -21.68 0.63
N GLU B 174 6.65 -22.42 1.72
CA GLU B 174 5.41 -22.72 2.45
C GLU B 174 4.82 -21.45 3.06
N VAL B 175 3.56 -21.14 2.84
CA VAL B 175 3.01 -19.91 3.47
C VAL B 175 2.39 -20.23 4.84
N PRO B 176 2.84 -19.52 5.90
CA PRO B 176 2.21 -19.70 7.20
C PRO B 176 0.78 -19.18 7.17
N GLU B 177 -0.05 -19.76 7.98
CA GLU B 177 -1.44 -19.39 8.02
C GLU B 177 -1.79 -18.96 9.47
N VAL B 178 -2.52 -17.88 9.60
CA VAL B 178 -3.15 -17.53 10.85
C VAL B 178 -4.53 -18.22 10.98
N ARG B 179 -4.83 -18.96 12.02
CA ARG B 179 -6.28 -19.21 12.32
C ARG B 179 -6.90 -17.88 12.82
N ARG B 180 -8.11 -17.53 12.37
CA ARG B 180 -8.84 -16.36 12.94
C ARG B 180 -10.18 -16.88 13.56
N ASP B 181 -10.06 -17.63 14.66
CA ASP B 181 -11.21 -18.33 15.23
C ASP B 181 -12.26 -17.34 15.70
N GLY B 182 -13.51 -17.57 15.31
CA GLY B 182 -14.60 -16.67 15.71
C GLY B 182 -14.53 -15.27 15.07
N LEU B 183 -14.06 -15.23 13.81
CA LEU B 183 -14.22 -14.07 12.89
C LEU B 183 -15.50 -14.31 12.03
N PRO B 184 -16.48 -13.36 12.08
CA PRO B 184 -17.75 -13.46 11.31
C PRO B 184 -17.63 -13.93 9.84
OAA AJD C . -11.82 -0.98 15.39
OAB AJD C . -9.72 -1.07 15.06
BRAC AJD C . -14.67 -3.93 11.92
CAD AJD C . -11.77 -4.56 11.99
CAE AJD C . -10.46 -4.41 12.40
CAF AJD C . -12.51 -2.72 13.40
CAG AJD C . -5.30 -4.15 13.66
CAH AJD C . -4.90 -3.68 12.27
CAI AJD C . -6.55 -3.42 14.13
CAJ AJD C . -7.37 -3.46 11.74
NAK AJD C . -6.02 -3.93 11.34
NAL AJD C . -8.90 -3.16 13.74
CAM AJD C . -10.88 -1.44 14.80
CAN AJD C . -12.81 -3.72 12.48
CAO AJD C . -10.16 -3.38 13.33
CAP AJD C . -11.18 -2.54 13.80
CAQ AJD C . -7.69 -3.86 13.24
OAA AJD D . 13.18 -2.90 -13.94
OAB AJD D . 11.36 -3.95 -13.19
BRAC AJD D . 16.12 -1.13 -9.79
CAD AJD D . 14.14 -3.21 -9.03
CAE AJD D . 13.09 -4.11 -9.31
CAF AJD D . 14.09 -2.53 -11.35
CAG AJD D . 8.97 -7.57 -9.52
CAH AJD D . 8.16 -6.61 -8.67
CAI AJD D . 9.94 -6.82 -10.46
CAJ AJD D . 9.82 -4.79 -8.98
NAK AJD D . 9.00 -5.57 -8.06
NAL AJD D . 11.49 -5.07 -10.86
CAM AJD D . 12.49 -3.44 -13.03
CAN AJD D . 14.66 -2.40 -10.07
CAO AJD D . 12.50 -4.20 -10.60
CAP AJD D . 13.04 -3.39 -11.61
CAQ AJD D . 10.76 -5.79 -9.77
#